data_3B90
#
_entry.id   3B90
#
_cell.length_a   45.400
_cell.length_b   62.600
_cell.length_c   128.100
_cell.angle_alpha   90.00
_cell.angle_beta   90.00
_cell.angle_gamma   90.00
#
_symmetry.space_group_name_H-M   'P 21 21 21'
#
loop_
_entity.id
_entity.type
_entity.pdbx_description
1 polymer 'Endo-pectate lyase'
2 non-polymer 'CALCIUM ION'
3 non-polymer 'ZINC ION'
4 non-polymer 'SULFATE ION'
5 water water
#
_entity_poly.entity_id   1
_entity_poly.type   'polypeptide(L)'
_entity_poly.pdbx_seq_one_letter_code
;SECKPGATFENRTVDCGGVTIGTSCPNDSDKQKPLIILKNATVKNLRISASGGADGIHCDSGNCTIENVIWEDICEDAAT
NNGKTMTIVGGIAHNAKDGYGGKPDKVLQHNSKNSTTVVKGNFTLTGEHGKLWRSCGDCSNNGGPRFLTVTSATVNGTID
SIAGVNRNYGDVATISGLKIKNYKEGKPPVCEEFKGVVKGQGSTEKYGEKWDTTNCKVSRSGVSKL
;
_entity_poly.pdbx_strand_id   A,B
#
loop_
_chem_comp.id
_chem_comp.type
_chem_comp.name
_chem_comp.formula
CA non-polymer 'CALCIUM ION' 'Ca 2'
SO4 non-polymer 'SULFATE ION' 'O4 S -2'
ZN non-polymer 'ZINC ION' 'Zn 2'
#
# COMPACT_ATOMS: atom_id res chain seq x y z
N SER A 1 -29.84 -25.14 2.10
CA SER A 1 -29.66 -23.70 1.77
C SER A 1 -28.68 -23.02 2.73
N GLU A 2 -27.63 -23.75 3.10
CA GLU A 2 -26.61 -23.24 4.00
C GLU A 2 -25.39 -22.84 3.17
N CYS A 3 -24.64 -21.87 3.68
CA CYS A 3 -23.45 -21.38 2.99
C CYS A 3 -22.19 -21.97 3.57
N LYS A 4 -21.59 -22.89 2.83
CA LYS A 4 -20.37 -23.55 3.25
C LYS A 4 -19.52 -23.86 2.03
N PRO A 5 -18.20 -24.03 2.24
CA PRO A 5 -17.27 -24.33 1.13
C PRO A 5 -17.74 -25.54 0.30
N GLY A 6 -17.71 -25.39 -1.02
CA GLY A 6 -18.13 -26.45 -1.91
C GLY A 6 -19.57 -26.30 -2.36
N ALA A 7 -20.30 -25.38 -1.73
CA ALA A 7 -21.70 -25.15 -2.06
C ALA A 7 -21.94 -24.69 -3.50
N THR A 8 -23.01 -25.18 -4.10
CA THR A 8 -23.41 -24.80 -5.46
C THR A 8 -24.86 -24.32 -5.37
N PHE A 9 -25.12 -23.07 -5.73
CA PHE A 9 -26.49 -22.55 -5.71
C PHE A 9 -26.98 -22.45 -7.16
N GLU A 10 -28.24 -22.82 -7.37
CA GLU A 10 -28.84 -22.83 -8.71
C GLU A 10 -30.31 -22.39 -8.72
N ASN A 11 -30.65 -21.51 -9.64
CA ASN A 11 -32.02 -20.99 -9.81
C ASN A 11 -32.66 -20.46 -8.53
N ARG A 12 -31.91 -19.66 -7.77
CA ARG A 12 -32.41 -19.10 -6.53
C ARG A 12 -31.46 -18.09 -5.91
N THR A 13 -31.96 -17.35 -4.94
CA THR A 13 -31.16 -16.37 -4.24
C THR A 13 -30.90 -16.92 -2.84
N VAL A 14 -29.66 -16.80 -2.39
CA VAL A 14 -29.28 -17.29 -1.08
C VAL A 14 -28.72 -16.20 -0.20
N ASP A 15 -29.28 -16.08 0.99
CA ASP A 15 -28.85 -15.09 1.97
C ASP A 15 -28.06 -15.83 3.03
N CYS A 16 -26.74 -15.59 3.06
CA CYS A 16 -25.85 -16.25 4.01
C CYS A 16 -25.82 -15.71 5.45
N GLY A 17 -26.65 -14.69 5.72
CA GLY A 17 -26.72 -14.12 7.06
C GLY A 17 -25.48 -13.45 7.61
N GLY A 18 -24.52 -13.13 6.74
CA GLY A 18 -23.31 -12.47 7.18
C GLY A 18 -22.24 -13.39 7.77
N VAL A 19 -22.45 -14.70 7.65
CA VAL A 19 -21.52 -15.69 8.19
C VAL A 19 -20.18 -15.74 7.46
N THR A 20 -19.14 -16.13 8.19
CA THR A 20 -17.80 -16.24 7.63
C THR A 20 -17.49 -17.70 7.27
N ILE A 21 -16.99 -17.91 6.06
CA ILE A 21 -16.61 -19.25 5.60
C ILE A 21 -15.22 -19.16 4.98
N GLY A 22 -14.59 -20.31 4.81
CA GLY A 22 -13.26 -20.36 4.21
C GLY A 22 -12.64 -21.74 4.34
N THR A 23 -11.60 -21.99 3.56
CA THR A 23 -10.89 -23.27 3.60
C THR A 23 -9.43 -22.99 3.90
N SER A 24 -8.63 -22.84 2.84
CA SER A 24 -7.22 -22.54 2.99
C SER A 24 -6.78 -21.85 1.72
N CYS A 25 -5.55 -21.35 1.74
CA CYS A 25 -4.99 -20.67 0.60
C CYS A 25 -3.50 -20.87 0.51
N PRO A 26 -3.06 -22.07 0.10
CA PRO A 26 -1.61 -22.29 -0.03
C PRO A 26 -1.28 -21.43 -1.25
N ASN A 27 -0.03 -21.34 -1.67
CA ASN A 27 0.19 -20.51 -2.85
C ASN A 27 0.23 -21.44 -4.07
N ASP A 28 -0.82 -22.25 -4.20
CA ASP A 28 -0.90 -23.23 -5.28
C ASP A 28 -2.23 -23.29 -6.01
N SER A 29 -2.18 -22.97 -7.30
CA SER A 29 -3.36 -22.98 -8.15
C SER A 29 -3.88 -24.39 -8.42
N ASP A 30 -3.00 -25.39 -8.33
CA ASP A 30 -3.40 -26.77 -8.55
C ASP A 30 -4.43 -27.23 -7.52
N LYS A 31 -4.42 -26.60 -6.34
CA LYS A 31 -5.30 -26.98 -5.23
C LYS A 31 -6.37 -25.99 -4.75
N GLN A 32 -6.51 -24.84 -5.41
CA GLN A 32 -7.51 -23.88 -4.97
C GLN A 32 -8.85 -24.00 -5.71
N LYS A 33 -9.84 -24.50 -4.98
CA LYS A 33 -11.19 -24.71 -5.50
C LYS A 33 -12.10 -23.53 -5.13
N PRO A 34 -13.15 -23.29 -5.92
CA PRO A 34 -14.03 -22.18 -5.57
C PRO A 34 -14.80 -22.52 -4.29
N LEU A 35 -15.15 -21.49 -3.52
CA LEU A 35 -15.91 -21.66 -2.28
C LEU A 35 -17.37 -21.87 -2.61
N ILE A 36 -17.88 -21.09 -3.56
CA ILE A 36 -19.27 -21.16 -3.98
C ILE A 36 -19.33 -21.17 -5.51
N ILE A 37 -20.25 -21.95 -6.04
CA ILE A 37 -20.45 -22.03 -7.47
C ILE A 37 -21.88 -21.56 -7.69
N LEU A 38 -22.04 -20.62 -8.60
CA LEU A 38 -23.36 -20.09 -8.89
C LEU A 38 -23.83 -20.48 -10.28
N LYS A 39 -25.12 -20.76 -10.39
CA LYS A 39 -25.72 -21.14 -11.65
C LYS A 39 -27.09 -20.50 -11.73
N ASN A 40 -27.15 -19.32 -12.35
CA ASN A 40 -28.39 -18.57 -12.49
C ASN A 40 -28.92 -18.30 -11.08
N ALA A 41 -28.00 -17.94 -10.19
CA ALA A 41 -28.33 -17.68 -8.81
C ALA A 41 -27.70 -16.42 -8.22
N THR A 42 -28.06 -16.16 -6.97
CA THR A 42 -27.56 -15.00 -6.24
C THR A 42 -27.13 -15.42 -4.83
N VAL A 43 -26.00 -14.87 -4.39
CA VAL A 43 -25.45 -15.12 -3.06
C VAL A 43 -25.28 -13.74 -2.42
N LYS A 44 -25.65 -13.60 -1.15
CA LYS A 44 -25.58 -12.32 -0.46
C LYS A 44 -25.20 -12.39 1.03
N ASN A 45 -24.66 -11.28 1.52
CA ASN A 45 -24.24 -11.14 2.91
C ASN A 45 -23.38 -12.32 3.35
N LEU A 46 -22.17 -12.36 2.81
CA LEU A 46 -21.25 -13.45 3.10
C LEU A 46 -19.84 -12.93 3.27
N ARG A 47 -19.13 -13.47 4.24
CA ARG A 47 -17.75 -13.08 4.47
C ARG A 47 -16.86 -14.30 4.26
N ILE A 48 -15.70 -14.06 3.67
CA ILE A 48 -14.74 -15.10 3.39
C ILE A 48 -13.48 -14.74 4.16
N SER A 49 -12.99 -15.68 4.96
CA SER A 49 -11.81 -15.46 5.79
C SER A 49 -10.52 -15.14 5.02
N ALA A 50 -9.58 -14.53 5.74
CA ALA A 50 -8.29 -14.13 5.18
C ALA A 50 -7.41 -15.29 4.69
N SER A 51 -7.40 -16.40 5.43
CA SER A 51 -6.58 -17.53 5.04
C SER A 51 -7.35 -18.65 4.36
N GLY A 52 -8.49 -18.32 3.76
CA GLY A 52 -9.29 -19.34 3.10
C GLY A 52 -10.09 -18.88 1.89
N GLY A 53 -9.56 -17.93 1.14
CA GLY A 53 -10.26 -17.43 -0.02
C GLY A 53 -10.32 -18.40 -1.18
N ALA A 54 -9.42 -19.38 -1.18
CA ALA A 54 -9.33 -20.42 -2.21
C ALA A 54 -9.44 -19.83 -3.61
N ASP A 55 -10.44 -20.26 -4.39
CA ASP A 55 -10.63 -19.71 -5.73
C ASP A 55 -11.89 -18.84 -5.84
N GLY A 56 -12.27 -18.20 -4.74
CA GLY A 56 -13.42 -17.32 -4.73
C GLY A 56 -14.79 -17.90 -5.05
N ILE A 57 -15.56 -17.13 -5.82
CA ILE A 57 -16.93 -17.49 -6.20
C ILE A 57 -17.03 -17.55 -7.73
N HIS A 58 -17.59 -18.64 -8.24
CA HIS A 58 -17.74 -18.85 -9.67
C HIS A 58 -19.17 -18.67 -10.18
N CYS A 59 -19.34 -17.93 -11.27
CA CYS A 59 -20.66 -17.79 -11.90
C CYS A 59 -20.51 -18.66 -13.14
N ASP A 60 -20.70 -19.97 -12.97
CA ASP A 60 -20.52 -20.91 -14.07
C ASP A 60 -21.66 -21.08 -15.08
N SER A 61 -22.78 -20.39 -14.88
CA SER A 61 -23.90 -20.49 -15.80
C SER A 61 -24.96 -19.41 -15.62
N GLY A 62 -25.52 -18.95 -16.73
CA GLY A 62 -26.56 -17.92 -16.70
C GLY A 62 -26.18 -16.60 -16.07
N ASN A 63 -27.16 -15.95 -15.47
CA ASN A 63 -26.96 -14.65 -14.82
C ASN A 63 -26.75 -14.85 -13.32
N CYS A 64 -25.73 -14.18 -12.79
CA CYS A 64 -25.39 -14.28 -11.38
C CYS A 64 -25.22 -12.94 -10.71
N THR A 65 -25.55 -12.89 -9.42
CA THR A 65 -25.38 -11.67 -8.65
C THR A 65 -24.67 -12.02 -7.33
N ILE A 66 -23.66 -11.22 -7.00
CA ILE A 66 -22.86 -11.40 -5.79
C ILE A 66 -22.99 -10.09 -5.01
N GLU A 67 -23.90 -10.08 -4.05
CA GLU A 67 -24.21 -8.90 -3.24
C GLU A 67 -23.69 -8.90 -1.82
N ASN A 68 -23.09 -7.78 -1.42
CA ASN A 68 -22.53 -7.60 -0.08
C ASN A 68 -21.68 -8.77 0.37
N VAL A 69 -20.63 -9.06 -0.39
CA VAL A 69 -19.71 -10.11 -0.05
C VAL A 69 -18.40 -9.44 0.31
N ILE A 70 -17.78 -9.93 1.36
CA ILE A 70 -16.50 -9.39 1.82
C ILE A 70 -15.40 -10.45 1.73
N TRP A 71 -14.31 -10.08 1.06
CA TRP A 71 -13.14 -10.92 0.91
C TRP A 71 -12.05 -10.31 1.80
N GLU A 72 -11.78 -10.95 2.93
CA GLU A 72 -10.77 -10.47 3.88
C GLU A 72 -9.34 -10.45 3.33
N ASP A 73 -9.07 -11.33 2.36
CA ASP A 73 -7.76 -11.41 1.71
C ASP A 73 -7.96 -12.31 0.51
N ILE A 74 -8.18 -11.70 -0.65
CA ILE A 74 -8.37 -12.48 -1.89
C ILE A 74 -7.23 -13.48 -2.05
N CYS A 75 -7.56 -14.73 -2.31
CA CYS A 75 -6.55 -15.76 -2.51
C CYS A 75 -6.11 -15.78 -3.97
N GLU A 76 -6.81 -16.51 -4.82
CA GLU A 76 -6.46 -16.57 -6.25
C GLU A 76 -7.11 -15.41 -6.99
N ASP A 77 -8.40 -15.27 -6.81
CA ASP A 77 -9.22 -14.19 -7.39
C ASP A 77 -10.52 -14.18 -6.61
N ALA A 78 -11.26 -13.08 -6.67
CA ALA A 78 -12.52 -12.95 -5.91
C ALA A 78 -13.73 -13.66 -6.51
N ALA A 79 -14.06 -13.34 -7.75
CA ALA A 79 -15.20 -13.95 -8.43
C ALA A 79 -14.84 -14.15 -9.90
N THR A 80 -15.45 -15.16 -10.52
CA THR A 80 -15.18 -15.53 -11.89
C THR A 80 -16.43 -15.65 -12.77
N ASN A 81 -16.44 -14.93 -13.90
CA ASN A 81 -17.56 -14.97 -14.81
C ASN A 81 -17.38 -16.03 -15.89
N ASN A 82 -18.09 -17.15 -15.74
CA ASN A 82 -18.08 -18.25 -16.72
C ASN A 82 -19.53 -18.41 -17.22
N GLY A 83 -20.35 -17.39 -16.98
CA GLY A 83 -21.74 -17.44 -17.40
C GLY A 83 -22.10 -16.39 -18.44
N LYS A 84 -23.34 -15.91 -18.38
CA LYS A 84 -23.81 -14.90 -19.32
C LYS A 84 -23.64 -13.51 -18.70
N THR A 85 -24.05 -13.37 -17.43
CA THR A 85 -23.93 -12.09 -16.75
C THR A 85 -23.56 -12.27 -15.27
N MET A 86 -22.52 -11.57 -14.83
CA MET A 86 -22.12 -11.63 -13.43
C MET A 86 -22.17 -10.20 -12.90
N THR A 87 -23.05 -9.97 -11.91
CA THR A 87 -23.21 -8.65 -11.33
C THR A 87 -22.68 -8.58 -9.90
N ILE A 88 -21.76 -7.64 -9.67
CA ILE A 88 -21.19 -7.42 -8.35
C ILE A 88 -21.90 -6.22 -7.76
N VAL A 89 -22.67 -6.44 -6.70
CA VAL A 89 -23.43 -5.36 -6.05
C VAL A 89 -22.88 -5.06 -4.66
N GLY A 90 -22.10 -4.00 -4.56
CA GLY A 90 -21.53 -3.63 -3.28
C GLY A 90 -20.53 -4.67 -2.79
N GLY A 91 -20.26 -4.65 -1.49
CA GLY A 91 -19.30 -5.58 -0.94
C GLY A 91 -17.94 -4.92 -0.88
N ILE A 92 -16.98 -5.60 -0.26
CA ILE A 92 -15.63 -5.09 -0.10
C ILE A 92 -14.67 -6.23 -0.42
N ALA A 93 -13.62 -5.93 -1.19
CA ALA A 93 -12.65 -6.94 -1.54
C ALA A 93 -11.25 -6.47 -1.15
N HIS A 94 -10.72 -7.08 -0.09
CA HIS A 94 -9.39 -6.73 0.40
C HIS A 94 -8.32 -7.70 -0.10
N ASN A 95 -7.11 -7.17 -0.28
CA ASN A 95 -5.96 -7.95 -0.72
C ASN A 95 -4.73 -7.17 -0.24
N ALA A 96 -3.59 -7.84 -0.10
CA ALA A 96 -2.41 -7.15 0.39
C ALA A 96 -1.06 -7.75 -0.02
N LYS A 97 -0.05 -6.89 -0.07
CA LYS A 97 1.32 -7.30 -0.37
C LYS A 97 1.69 -8.12 0.86
N ASP A 98 2.28 -9.28 0.67
CA ASP A 98 2.65 -10.14 1.80
C ASP A 98 1.44 -10.86 2.43
N GLY A 99 0.32 -10.88 1.72
CA GLY A 99 -0.86 -11.55 2.21
C GLY A 99 -0.90 -12.99 1.75
N TYR A 100 -2.11 -13.57 1.74
CA TYR A 100 -2.30 -14.96 1.31
C TYR A 100 -2.51 -15.03 -0.19
N GLY A 101 -1.84 -15.98 -0.84
CA GLY A 101 -1.97 -16.14 -2.28
C GLY A 101 -0.91 -15.40 -3.07
N GLY A 102 0.11 -14.89 -2.37
CA GLY A 102 1.21 -14.18 -3.01
C GLY A 102 0.96 -12.73 -3.39
N LYS A 103 1.66 -12.28 -4.43
CA LYS A 103 1.52 -10.91 -4.94
C LYS A 103 0.12 -10.75 -5.50
N PRO A 104 -0.60 -9.68 -5.07
CA PRO A 104 -1.97 -9.35 -5.51
C PRO A 104 -2.14 -9.37 -7.03
N ASP A 105 -3.22 -9.98 -7.50
CA ASP A 105 -3.46 -10.09 -8.94
C ASP A 105 -4.87 -9.61 -9.32
N LYS A 106 -5.63 -10.45 -10.01
CA LYS A 106 -6.98 -10.09 -10.44
C LYS A 106 -8.06 -10.33 -9.39
N VAL A 107 -9.09 -9.47 -9.40
CA VAL A 107 -10.24 -9.58 -8.49
C VAL A 107 -11.32 -10.36 -9.25
N LEU A 108 -11.73 -9.82 -10.40
CA LEU A 108 -12.75 -10.41 -11.26
C LEU A 108 -12.12 -11.07 -12.48
N GLN A 109 -12.37 -12.37 -12.65
CA GLN A 109 -11.85 -13.12 -13.78
C GLN A 109 -13.04 -13.37 -14.71
N HIS A 110 -12.90 -13.05 -15.99
CA HIS A 110 -13.98 -13.20 -16.96
C HIS A 110 -13.48 -14.07 -18.12
N ASN A 111 -14.06 -15.27 -18.24
CA ASN A 111 -13.66 -16.24 -19.26
C ASN A 111 -14.70 -16.56 -20.34
N SER A 112 -15.99 -16.46 -20.00
CA SER A 112 -17.05 -16.77 -20.97
C SER A 112 -17.06 -15.77 -22.13
N LYS A 113 -17.81 -16.07 -23.20
CA LYS A 113 -17.88 -15.18 -24.37
C LYS A 113 -19.29 -14.56 -24.51
N ASN A 114 -19.39 -13.44 -25.23
CA ASN A 114 -20.65 -12.70 -25.41
C ASN A 114 -21.37 -12.57 -24.06
N SER A 115 -20.56 -12.29 -23.04
CA SER A 115 -21.05 -12.15 -21.67
C SER A 115 -20.66 -10.78 -21.11
N THR A 116 -21.22 -10.48 -19.94
CA THR A 116 -21.01 -9.19 -19.29
C THR A 116 -20.83 -9.28 -17.79
N THR A 117 -19.78 -8.62 -17.29
CA THR A 117 -19.57 -8.55 -15.85
C THR A 117 -19.99 -7.11 -15.50
N VAL A 118 -20.79 -6.97 -14.44
CA VAL A 118 -21.30 -5.68 -14.01
C VAL A 118 -20.87 -5.35 -12.60
N VAL A 119 -20.29 -4.17 -12.41
CA VAL A 119 -19.87 -3.72 -11.08
C VAL A 119 -20.66 -2.47 -10.73
N LYS A 120 -21.56 -2.59 -9.75
CA LYS A 120 -22.40 -1.48 -9.31
C LYS A 120 -22.53 -1.52 -7.78
N GLY A 121 -23.35 -0.64 -7.22
CA GLY A 121 -23.52 -0.64 -5.78
C GLY A 121 -22.28 -0.25 -4.98
N ASN A 122 -21.34 0.45 -5.63
CA ASN A 122 -20.13 0.90 -4.95
C ASN A 122 -19.24 -0.22 -4.36
N PHE A 123 -18.95 -1.23 -5.17
CA PHE A 123 -18.09 -2.34 -4.77
C PHE A 123 -16.75 -1.69 -4.41
N THR A 124 -16.22 -1.99 -3.22
CA THR A 124 -14.97 -1.39 -2.76
C THR A 124 -13.77 -2.32 -2.66
N LEU A 125 -12.60 -1.81 -3.04
CA LEU A 125 -11.34 -2.55 -2.98
C LEU A 125 -10.44 -1.89 -1.93
N THR A 126 -9.98 -2.67 -0.97
CA THR A 126 -9.09 -2.18 0.08
C THR A 126 -7.77 -2.95 0.03
N GLY A 127 -6.71 -2.34 0.56
CA GLY A 127 -5.40 -2.98 0.54
C GLY A 127 -4.67 -2.78 -0.78
N GLU A 128 -3.81 -3.74 -1.12
CA GLU A 128 -3.04 -3.69 -2.35
C GLU A 128 -3.63 -4.65 -3.38
N HIS A 129 -3.87 -4.15 -4.60
CA HIS A 129 -4.46 -4.98 -5.66
C HIS A 129 -3.74 -4.97 -7.00
N GLY A 130 -4.08 -5.98 -7.81
CA GLY A 130 -3.52 -6.11 -9.15
C GLY A 130 -4.45 -5.44 -10.13
N LYS A 131 -5.51 -6.13 -10.53
CA LYS A 131 -6.50 -5.59 -11.47
C LYS A 131 -7.90 -5.88 -10.98
N LEU A 132 -8.81 -4.94 -11.22
CA LEU A 132 -10.21 -5.14 -10.83
C LEU A 132 -10.85 -6.19 -11.75
N TRP A 133 -10.66 -6.06 -13.05
CA TRP A 133 -11.26 -7.00 -14.01
C TRP A 133 -10.39 -7.24 -15.23
N ARG A 134 -10.28 -8.51 -15.61
CA ARG A 134 -9.49 -8.89 -16.77
C ARG A 134 -10.21 -9.90 -17.66
N SER A 135 -10.29 -9.57 -18.94
CA SER A 135 -10.86 -10.45 -19.94
C SER A 135 -9.72 -11.41 -20.19
N CYS A 136 -9.93 -12.69 -19.88
CA CYS A 136 -8.88 -13.70 -20.06
C CYS A 136 -8.06 -13.52 -21.34
N GLY A 137 -6.76 -13.26 -21.18
CA GLY A 137 -5.90 -13.03 -22.32
C GLY A 137 -5.41 -14.24 -23.11
N ASP A 138 -5.16 -15.36 -22.45
CA ASP A 138 -4.66 -16.55 -23.14
C ASP A 138 -5.40 -17.85 -22.86
N CYS A 139 -6.69 -17.75 -22.54
CA CYS A 139 -7.53 -18.92 -22.25
C CYS A 139 -7.55 -19.96 -23.36
N SER A 140 -7.90 -21.20 -23.00
CA SER A 140 -8.05 -22.25 -24.00
C SER A 140 -9.37 -21.84 -24.66
N ASN A 141 -9.50 -22.00 -25.97
CA ASN A 141 -10.74 -21.63 -26.66
C ASN A 141 -11.06 -20.15 -26.39
N ASN A 142 -10.03 -19.31 -26.38
CA ASN A 142 -10.21 -17.88 -26.11
C ASN A 142 -10.92 -17.22 -27.29
N GLY A 143 -11.61 -16.13 -26.99
CA GLY A 143 -12.36 -15.41 -28.00
C GLY A 143 -13.17 -14.32 -27.34
N GLY A 144 -14.13 -13.78 -28.09
CA GLY A 144 -14.96 -12.72 -27.55
C GLY A 144 -16.32 -12.67 -28.18
N PRO A 145 -17.08 -11.60 -27.93
CA PRO A 145 -16.67 -10.48 -27.10
C PRO A 145 -16.93 -10.62 -25.60
N ARG A 146 -16.17 -9.87 -24.81
CA ARG A 146 -16.34 -9.85 -23.36
C ARG A 146 -16.60 -8.39 -22.98
N PHE A 147 -17.56 -8.18 -22.08
CA PHE A 147 -17.93 -6.83 -21.68
C PHE A 147 -17.89 -6.59 -20.18
N LEU A 148 -17.48 -5.37 -19.83
CA LEU A 148 -17.38 -4.92 -18.44
C LEU A 148 -18.20 -3.64 -18.29
N THR A 149 -19.02 -3.60 -17.24
CA THR A 149 -19.83 -2.43 -16.95
C THR A 149 -19.58 -2.00 -15.53
N VAL A 150 -19.01 -0.82 -15.36
CA VAL A 150 -18.78 -0.29 -14.03
C VAL A 150 -19.55 1.03 -13.93
N THR A 151 -20.57 1.06 -13.08
CA THR A 151 -21.34 2.29 -12.91
C THR A 151 -20.99 2.99 -11.60
N SER A 152 -20.33 2.25 -10.70
CA SER A 152 -19.86 2.79 -9.41
C SER A 152 -18.95 1.80 -8.66
N ALA A 153 -17.78 2.28 -8.24
CA ALA A 153 -16.82 1.47 -7.51
C ALA A 153 -15.76 2.34 -6.83
N THR A 154 -15.23 1.85 -5.70
CA THR A 154 -14.20 2.58 -4.96
C THR A 154 -12.95 1.76 -4.67
N VAL A 155 -11.79 2.35 -4.96
CA VAL A 155 -10.53 1.68 -4.72
C VAL A 155 -9.84 2.40 -3.56
N ASN A 156 -10.22 2.04 -2.34
CA ASN A 156 -9.62 2.63 -1.15
C ASN A 156 -8.31 1.91 -0.86
N GLY A 157 -7.34 2.17 -1.72
CA GLY A 157 -6.04 1.54 -1.58
C GLY A 157 -5.24 1.70 -2.85
N THR A 158 -4.40 0.72 -3.16
CA THR A 158 -3.58 0.79 -4.35
C THR A 158 -3.95 -0.31 -5.33
N ILE A 159 -3.69 -0.08 -6.61
CA ILE A 159 -4.00 -1.06 -7.63
C ILE A 159 -3.15 -0.82 -8.87
N ASP A 160 -2.72 -1.90 -9.50
CA ASP A 160 -1.89 -1.81 -10.70
C ASP A 160 -2.66 -1.19 -11.87
N SER A 161 -3.87 -1.71 -12.12
CA SER A 161 -4.74 -1.18 -13.19
C SER A 161 -6.19 -1.59 -12.95
N ILE A 162 -7.11 -0.99 -13.70
CA ILE A 162 -8.53 -1.28 -13.54
C ILE A 162 -9.09 -2.38 -14.44
N ALA A 163 -9.06 -2.15 -15.75
CA ALA A 163 -9.59 -3.13 -16.70
C ALA A 163 -8.65 -3.46 -17.86
N GLY A 164 -8.73 -4.69 -18.32
CA GLY A 164 -7.90 -5.13 -19.43
C GLY A 164 -8.76 -5.75 -20.51
N VAL A 165 -8.91 -5.05 -21.63
CA VAL A 165 -9.71 -5.54 -22.75
C VAL A 165 -8.89 -6.10 -23.92
N ASN A 166 -9.42 -7.13 -24.57
CA ASN A 166 -8.78 -7.73 -25.75
C ASN A 166 -9.40 -7.03 -26.96
N ARG A 167 -8.66 -6.10 -27.53
CA ARG A 167 -9.07 -5.32 -28.69
C ARG A 167 -9.42 -6.16 -29.91
N ASN A 168 -8.61 -7.18 -30.18
CA ASN A 168 -8.84 -8.07 -31.32
C ASN A 168 -10.06 -8.98 -31.18
N TYR A 169 -10.63 -9.07 -29.98
CA TYR A 169 -11.81 -9.92 -29.76
C TYR A 169 -13.11 -9.14 -29.59
N GLY A 170 -13.02 -7.82 -29.73
CA GLY A 170 -14.20 -6.97 -29.60
C GLY A 170 -14.65 -6.68 -28.17
N ASP A 171 -13.77 -6.85 -27.18
CA ASP A 171 -14.14 -6.59 -25.79
C ASP A 171 -14.41 -5.10 -25.57
N VAL A 172 -15.40 -4.77 -24.74
CA VAL A 172 -15.71 -3.37 -24.46
C VAL A 172 -15.90 -3.15 -22.97
N ALA A 173 -15.14 -2.22 -22.42
CA ALA A 173 -15.23 -1.88 -21.01
C ALA A 173 -15.87 -0.51 -20.91
N THR A 174 -17.00 -0.43 -20.23
CA THR A 174 -17.70 0.84 -20.05
C THR A 174 -17.55 1.21 -18.58
N ILE A 175 -16.73 2.23 -18.32
CA ILE A 175 -16.45 2.64 -16.94
C ILE A 175 -16.85 4.07 -16.60
N SER A 176 -17.49 4.21 -15.45
CA SER A 176 -17.92 5.50 -14.94
C SER A 176 -18.20 5.36 -13.44
N GLY A 177 -18.13 6.47 -12.72
CA GLY A 177 -18.38 6.45 -11.29
C GLY A 177 -17.31 5.77 -10.46
N LEU A 178 -16.09 5.79 -10.97
CA LEU A 178 -14.96 5.16 -10.29
C LEU A 178 -14.12 6.15 -9.49
N LYS A 179 -13.92 5.83 -8.21
CA LYS A 179 -13.11 6.66 -7.31
C LYS A 179 -11.85 5.87 -6.90
N ILE A 180 -10.68 6.49 -7.07
CA ILE A 180 -9.42 5.84 -6.72
C ILE A 180 -8.63 6.70 -5.74
N LYS A 181 -8.15 6.09 -4.67
CA LYS A 181 -7.35 6.79 -3.66
C LYS A 181 -6.09 7.35 -4.32
N ASN A 182 -5.83 8.64 -4.11
CA ASN A 182 -4.64 9.33 -4.66
C ASN A 182 -4.56 9.34 -6.18
N TYR A 183 -5.71 9.27 -6.86
CA TYR A 183 -5.74 9.23 -8.31
C TYR A 183 -5.03 10.39 -9.01
N LYS A 184 -4.35 10.03 -10.09
CA LYS A 184 -3.61 10.95 -10.96
C LYS A 184 -3.67 10.27 -12.32
N GLU A 185 -3.63 11.04 -13.40
CA GLU A 185 -3.68 10.47 -14.74
C GLU A 185 -2.56 9.46 -14.95
N GLY A 186 -2.93 8.22 -15.24
CA GLY A 186 -1.93 7.18 -15.44
C GLY A 186 -1.50 6.53 -14.15
N LYS A 187 -1.96 7.04 -13.01
CA LYS A 187 -1.60 6.47 -11.72
C LYS A 187 -2.84 6.26 -10.84
N PRO A 188 -3.46 5.07 -10.92
CA PRO A 188 -3.03 3.98 -11.80
C PRO A 188 -3.75 4.05 -13.16
N PRO A 189 -3.34 3.19 -14.11
CA PRO A 189 -4.02 3.20 -15.42
C PRO A 189 -5.42 2.62 -15.24
N VAL A 190 -6.37 3.04 -16.06
CA VAL A 190 -7.72 2.54 -15.93
C VAL A 190 -7.99 1.41 -16.91
N CYS A 191 -8.42 1.78 -18.11
CA CYS A 191 -8.71 0.79 -19.14
C CYS A 191 -7.52 0.62 -20.06
N GLU A 192 -7.01 -0.61 -20.14
CA GLU A 192 -5.86 -0.92 -20.98
C GLU A 192 -6.26 -1.92 -22.06
N GLU A 193 -5.77 -1.71 -23.27
CA GLU A 193 -6.09 -2.58 -24.40
C GLU A 193 -5.01 -3.61 -24.68
N PHE A 194 -5.44 -4.84 -24.92
CA PHE A 194 -4.52 -5.93 -25.20
C PHE A 194 -4.94 -6.72 -26.43
N LYS A 195 -4.12 -7.69 -26.77
CA LYS A 195 -4.37 -8.60 -27.87
C LYS A 195 -4.51 -9.96 -27.21
N GLY A 196 -5.71 -10.53 -27.28
CA GLY A 196 -5.93 -11.84 -26.70
C GLY A 196 -5.52 -12.92 -27.69
N VAL A 197 -5.23 -14.10 -27.17
CA VAL A 197 -4.85 -15.24 -28.01
C VAL A 197 -5.44 -16.52 -27.43
N VAL A 198 -5.48 -17.57 -28.25
CA VAL A 198 -5.96 -18.89 -27.85
C VAL A 198 -4.72 -19.55 -27.25
N LYS A 199 -4.90 -20.27 -26.14
CA LYS A 199 -3.77 -20.92 -25.46
C LYS A 199 -2.94 -21.83 -26.37
N GLY A 200 -1.64 -21.55 -26.43
CA GLY A 200 -0.73 -22.33 -27.25
C GLY A 200 -0.67 -21.96 -28.73
N GLN A 201 -1.37 -20.91 -29.14
CA GLN A 201 -1.40 -20.47 -30.54
C GLN A 201 -0.70 -19.14 -30.73
N GLY A 202 -0.01 -18.68 -29.69
CA GLY A 202 0.70 -17.42 -29.74
C GLY A 202 0.75 -16.78 -28.36
N SER A 203 1.25 -15.55 -28.28
CA SER A 203 1.33 -14.86 -27.00
C SER A 203 0.64 -13.51 -27.00
N THR A 204 0.22 -13.08 -25.80
CA THR A 204 -0.46 -11.80 -25.62
C THR A 204 0.46 -10.60 -25.79
N GLU A 205 -0.12 -9.48 -26.23
CA GLU A 205 0.61 -8.23 -26.44
C GLU A 205 -0.11 -7.10 -25.70
N LYS A 206 0.66 -6.18 -25.14
CA LYS A 206 0.13 -5.04 -24.40
C LYS A 206 0.13 -3.79 -25.27
N TYR A 207 -1.01 -3.09 -25.33
CA TYR A 207 -1.14 -1.86 -26.11
C TYR A 207 -1.19 -0.63 -25.18
N GLY A 208 -1.53 -0.84 -23.92
CA GLY A 208 -1.57 0.27 -22.97
C GLY A 208 -2.92 0.91 -22.71
N GLU A 209 -2.91 1.90 -21.82
CA GLU A 209 -4.11 2.62 -21.43
C GLU A 209 -4.70 3.46 -22.56
N LYS A 210 -6.03 3.44 -22.63
CA LYS A 210 -6.76 4.18 -23.64
C LYS A 210 -8.02 4.80 -23.04
N TRP A 211 -8.40 5.96 -23.59
CA TRP A 211 -9.58 6.67 -23.15
C TRP A 211 -10.52 6.89 -24.34
N ASP A 212 -11.82 6.72 -24.12
CA ASP A 212 -12.81 6.93 -25.16
C ASP A 212 -12.48 6.34 -26.53
N THR A 213 -12.25 5.02 -26.54
CA THR A 213 -11.99 4.30 -27.79
C THR A 213 -13.14 3.31 -27.90
N THR A 214 -13.21 2.60 -29.01
CA THR A 214 -14.26 1.60 -29.22
C THR A 214 -14.21 0.52 -28.13
N ASN A 215 -13.00 0.13 -27.72
CA ASN A 215 -12.88 -0.93 -26.72
C ASN A 215 -12.81 -0.44 -25.27
N CYS A 216 -12.24 0.73 -25.07
CA CYS A 216 -12.15 1.31 -23.74
C CYS A 216 -13.11 2.49 -23.63
N LYS A 217 -14.37 2.20 -23.28
CA LYS A 217 -15.39 3.24 -23.14
C LYS A 217 -15.41 3.92 -21.77
N VAL A 218 -14.35 4.69 -21.51
CA VAL A 218 -14.22 5.41 -20.27
C VAL A 218 -13.70 6.80 -20.59
N SER A 219 -14.28 7.81 -19.94
CA SER A 219 -13.86 9.18 -20.14
C SER A 219 -13.09 9.61 -18.91
N ARG A 220 -12.19 10.57 -19.08
CA ARG A 220 -11.39 11.10 -17.97
C ARG A 220 -12.27 11.69 -16.87
N SER A 221 -13.55 11.88 -17.19
CA SER A 221 -14.54 12.42 -16.27
C SER A 221 -15.14 11.30 -15.43
N GLY A 222 -14.99 10.06 -15.90
CA GLY A 222 -15.53 8.91 -15.20
C GLY A 222 -14.70 8.37 -14.04
N VAL A 223 -13.49 8.89 -13.87
CA VAL A 223 -12.61 8.46 -12.77
C VAL A 223 -12.12 9.68 -11.99
N SER A 224 -12.11 9.57 -10.66
CA SER A 224 -11.67 10.68 -9.82
C SER A 224 -11.02 10.23 -8.52
N LYS A 225 -10.35 11.18 -7.86
CA LYS A 225 -9.70 10.93 -6.58
C LYS A 225 -10.74 10.66 -5.49
N LEU A 226 -10.39 9.75 -4.60
CA LEU A 226 -11.25 9.38 -3.48
C LEU A 226 -11.23 10.40 -2.34
N SER B 1 38.91 15.20 15.94
CA SER B 1 37.66 14.46 15.59
C SER B 1 37.03 15.05 14.33
N GLU B 2 37.56 14.67 13.18
CA GLU B 2 37.04 15.16 11.92
C GLU B 2 35.76 14.42 11.56
N CYS B 3 34.82 15.16 10.99
CA CYS B 3 33.55 14.60 10.58
C CYS B 3 33.81 14.00 9.21
N LYS B 4 34.03 12.69 9.19
CA LYS B 4 34.29 11.95 7.97
C LYS B 4 33.50 10.63 8.02
N PRO B 5 33.25 10.02 6.84
CA PRO B 5 32.50 8.76 6.81
C PRO B 5 33.13 7.67 7.66
N GLY B 6 32.30 6.91 8.35
CA GLY B 6 32.79 5.84 9.20
C GLY B 6 33.21 6.26 10.60
N ALA B 7 33.28 7.56 10.86
CA ALA B 7 33.69 8.05 12.17
C ALA B 7 32.63 7.86 13.27
N THR B 8 33.13 7.56 14.46
CA THR B 8 32.30 7.32 15.63
C THR B 8 32.61 8.34 16.71
N PHE B 9 31.56 8.94 17.25
CA PHE B 9 31.70 9.94 18.31
C PHE B 9 31.07 9.36 19.57
N GLU B 10 31.75 9.50 20.70
CA GLU B 10 31.24 8.96 21.96
C GLU B 10 31.37 9.89 23.17
N ASN B 11 30.24 10.09 23.84
CA ASN B 11 30.13 10.95 25.02
C ASN B 11 30.68 12.36 24.81
N ARG B 12 30.42 12.92 23.63
CA ARG B 12 30.90 14.25 23.29
C ARG B 12 30.00 14.93 22.26
N THR B 13 30.31 16.19 21.98
CA THR B 13 29.55 16.98 21.02
C THR B 13 30.51 17.53 19.98
N VAL B 14 30.24 17.21 18.71
CA VAL B 14 31.08 17.65 17.60
C VAL B 14 30.38 18.59 16.65
N ASP B 15 31.07 19.69 16.33
CA ASP B 15 30.59 20.70 15.41
C ASP B 15 31.38 20.43 14.14
N CYS B 16 30.70 20.03 13.07
CA CYS B 16 31.38 19.73 11.82
C CYS B 16 31.77 20.94 10.99
N GLY B 17 31.24 22.10 11.37
CA GLY B 17 31.58 23.33 10.66
C GLY B 17 31.14 23.43 9.21
N GLY B 18 30.02 22.78 8.87
CA GLY B 18 29.51 22.83 7.52
C GLY B 18 30.17 21.95 6.48
N VAL B 19 31.12 21.10 6.90
CA VAL B 19 31.81 20.20 5.96
C VAL B 19 30.83 19.25 5.28
N THR B 20 31.18 18.89 4.04
CA THR B 20 30.36 17.97 3.25
C THR B 20 31.04 16.60 3.25
N ILE B 21 30.25 15.54 3.44
CA ILE B 21 30.77 14.18 3.42
C ILE B 21 29.76 13.27 2.71
N GLY B 22 30.23 12.12 2.26
CA GLY B 22 29.37 11.17 1.57
C GLY B 22 30.18 10.04 0.98
N THR B 23 29.52 8.93 0.66
CA THR B 23 30.18 7.78 0.05
C THR B 23 29.44 7.31 -1.20
N SER B 24 28.40 6.50 -1.03
CA SER B 24 27.61 6.03 -2.18
C SER B 24 26.18 5.62 -1.84
N CYS B 25 25.42 5.33 -2.90
CA CYS B 25 24.04 4.89 -2.77
C CYS B 25 23.71 4.00 -3.97
N PRO B 26 24.33 2.80 -4.02
CA PRO B 26 24.12 1.85 -5.11
C PRO B 26 22.72 1.26 -5.13
N ASN B 27 22.15 1.16 -6.34
CA ASN B 27 20.80 0.59 -6.53
C ASN B 27 20.62 -0.79 -5.88
N ASP B 28 21.67 -1.60 -5.88
CA ASP B 28 21.59 -2.91 -5.26
C ASP B 28 22.79 -3.31 -4.41
N SER B 29 22.51 -3.50 -3.13
CA SER B 29 23.47 -3.92 -2.12
C SER B 29 22.65 -4.53 -0.99
N ASP B 30 23.29 -5.30 -0.12
CA ASP B 30 22.59 -5.93 0.99
C ASP B 30 22.55 -5.02 2.21
N LYS B 31 23.33 -3.93 2.17
CA LYS B 31 23.36 -2.98 3.27
C LYS B 31 23.94 -1.63 2.86
N GLN B 32 23.66 -0.62 3.68
CA GLN B 32 24.18 0.72 3.46
C GLN B 32 24.83 1.09 4.80
N LYS B 33 26.11 1.45 4.75
CA LYS B 33 26.84 1.81 5.96
C LYS B 33 26.57 3.26 6.40
N PRO B 34 26.55 3.48 7.72
CA PRO B 34 26.30 4.81 8.28
C PRO B 34 27.51 5.72 8.02
N LEU B 35 27.24 6.98 7.73
CA LEU B 35 28.29 7.96 7.49
C LEU B 35 28.88 8.35 8.84
N ILE B 36 28.01 8.50 9.84
CA ILE B 36 28.44 8.90 11.18
C ILE B 36 27.73 8.02 12.23
N ILE B 37 28.48 7.58 13.22
CA ILE B 37 27.94 6.76 14.30
C ILE B 37 28.01 7.53 15.63
N LEU B 38 26.85 7.67 16.26
CA LEU B 38 26.78 8.38 17.53
C LEU B 38 26.50 7.46 18.72
N LYS B 39 27.33 7.57 19.76
CA LYS B 39 27.18 6.78 20.98
C LYS B 39 27.11 7.77 22.14
N ASN B 40 25.89 8.26 22.41
CA ASN B 40 25.65 9.24 23.46
C ASN B 40 26.48 10.48 23.13
N ALA B 41 26.40 10.87 21.87
CA ALA B 41 27.13 12.01 21.35
C ALA B 41 26.25 12.84 20.44
N THR B 42 26.67 14.08 20.20
CA THR B 42 25.93 15.00 19.35
C THR B 42 26.76 15.51 18.17
N VAL B 43 26.13 15.54 17.00
CA VAL B 43 26.78 16.04 15.80
C VAL B 43 25.94 17.19 15.23
N LYS B 44 26.62 18.21 14.70
CA LYS B 44 25.91 19.35 14.15
C LYS B 44 26.64 19.99 12.98
N ASN B 45 25.91 20.84 12.24
CA ASN B 45 26.43 21.57 11.09
C ASN B 45 27.20 20.67 10.12
N LEU B 46 26.46 19.74 9.52
CA LEU B 46 27.05 18.81 8.58
C LEU B 46 26.15 18.63 7.35
N ARG B 47 26.76 18.45 6.18
CA ARG B 47 26.01 18.24 4.96
C ARG B 47 26.41 16.91 4.34
N ILE B 48 25.42 16.13 3.92
CA ILE B 48 25.62 14.82 3.30
C ILE B 48 25.30 14.91 1.80
N SER B 49 26.28 14.54 0.98
CA SER B 49 26.16 14.57 -0.47
C SER B 49 25.01 13.77 -1.06
N ALA B 50 24.42 14.30 -2.12
CA ALA B 50 23.30 13.66 -2.80
C ALA B 50 23.63 12.28 -3.35
N SER B 51 24.87 12.09 -3.78
CA SER B 51 25.24 10.80 -4.35
C SER B 51 25.81 9.83 -3.33
N GLY B 52 26.02 10.28 -2.09
CA GLY B 52 26.60 9.41 -1.09
C GLY B 52 25.89 9.32 0.24
N GLY B 53 24.57 9.23 0.18
CA GLY B 53 23.77 9.17 1.39
C GLY B 53 23.92 7.93 2.27
N ALA B 54 24.12 6.78 1.63
CA ALA B 54 24.27 5.51 2.34
C ALA B 54 23.17 5.34 3.38
N ASP B 55 23.54 5.12 4.64
CA ASP B 55 22.57 4.94 5.69
C ASP B 55 22.59 6.07 6.71
N GLY B 56 22.88 7.29 6.24
CA GLY B 56 22.89 8.47 7.11
C GLY B 56 23.60 8.43 8.45
N ILE B 57 22.90 8.82 9.51
CA ILE B 57 23.48 8.86 10.87
C ILE B 57 22.81 7.90 11.86
N HIS B 58 23.62 7.13 12.58
CA HIS B 58 23.11 6.18 13.57
C HIS B 58 23.33 6.66 14.99
N CYS B 59 22.29 6.51 15.82
CA CYS B 59 22.40 6.80 17.25
C CYS B 59 22.45 5.38 17.81
N ASP B 60 23.66 4.87 17.98
CA ASP B 60 23.82 3.49 18.48
C ASP B 60 23.87 3.25 19.98
N SER B 61 23.68 4.30 20.77
CA SER B 61 23.64 4.18 22.23
C SER B 61 23.30 5.50 22.91
N GLY B 62 22.72 5.37 24.10
CA GLY B 62 22.36 6.54 24.88
C GLY B 62 21.47 7.53 24.16
N ASN B 63 21.72 8.81 24.43
CA ASN B 63 20.95 9.90 23.85
C ASN B 63 21.83 10.67 22.85
N CYS B 64 21.35 10.77 21.61
CA CYS B 64 22.08 11.49 20.58
C CYS B 64 21.25 12.65 20.05
N THR B 65 21.95 13.66 19.56
CA THR B 65 21.30 14.82 18.98
C THR B 65 21.99 15.09 17.65
N ILE B 66 21.15 15.22 16.61
CA ILE B 66 21.61 15.50 15.26
C ILE B 66 21.01 16.84 14.91
N GLU B 67 21.81 17.89 15.01
CA GLU B 67 21.35 19.26 14.76
C GLU B 67 21.90 19.94 13.51
N ASN B 68 21.00 20.59 12.77
CA ASN B 68 21.37 21.31 11.56
C ASN B 68 22.16 20.48 10.56
N VAL B 69 21.64 19.31 10.22
CA VAL B 69 22.31 18.45 9.25
C VAL B 69 21.47 18.47 7.96
N ILE B 70 22.16 18.52 6.82
CA ILE B 70 21.47 18.52 5.53
C ILE B 70 21.71 17.25 4.71
N TRP B 71 20.62 16.60 4.30
CA TRP B 71 20.70 15.41 3.46
C TRP B 71 20.23 15.85 2.07
N GLU B 72 21.16 15.95 1.12
CA GLU B 72 20.84 16.36 -0.25
C GLU B 72 19.94 15.37 -0.99
N ASP B 73 20.00 14.11 -0.60
CA ASP B 73 19.17 13.05 -1.18
C ASP B 73 19.29 11.78 -0.34
N ILE B 74 18.28 11.55 0.49
CA ILE B 74 18.23 10.37 1.36
C ILE B 74 18.41 9.10 0.54
N CYS B 75 19.27 8.21 1.02
CA CYS B 75 19.50 6.94 0.35
C CYS B 75 18.56 5.94 1.02
N GLU B 76 19.03 5.22 2.05
CA GLU B 76 18.15 4.25 2.73
C GLU B 76 17.20 4.99 3.67
N ASP B 77 17.76 5.84 4.52
CA ASP B 77 17.01 6.66 5.48
C ASP B 77 17.94 7.75 6.00
N ALA B 78 17.40 8.77 6.67
CA ALA B 78 18.23 9.86 7.17
C ALA B 78 18.95 9.58 8.49
N ALA B 79 18.24 9.00 9.45
CA ALA B 79 18.83 8.72 10.76
C ALA B 79 18.22 7.46 11.32
N THR B 80 18.97 6.77 12.18
CA THR B 80 18.51 5.51 12.76
C THR B 80 18.65 5.52 14.27
N ASN B 81 17.53 5.36 14.98
CA ASN B 81 17.56 5.34 16.44
C ASN B 81 17.73 3.92 16.97
N ASN B 82 18.95 3.62 17.42
CA ASN B 82 19.26 2.32 18.03
C ASN B 82 19.63 2.56 19.49
N GLY B 83 19.28 3.75 19.98
CA GLY B 83 19.60 4.11 21.35
C GLY B 83 18.41 4.41 22.24
N LYS B 84 18.66 5.18 23.29
CA LYS B 84 17.61 5.57 24.23
C LYS B 84 16.79 6.74 23.68
N THR B 85 17.49 7.75 23.17
CA THR B 85 16.82 8.92 22.62
C THR B 85 17.63 9.52 21.48
N MET B 86 16.93 9.82 20.38
CA MET B 86 17.53 10.43 19.20
C MET B 86 16.72 11.69 18.93
N THR B 87 17.37 12.84 19.04
CA THR B 87 16.73 14.14 18.85
C THR B 87 17.24 14.83 17.57
N ILE B 88 16.31 15.15 16.68
CA ILE B 88 16.62 15.83 15.42
C ILE B 88 16.22 17.30 15.58
N VAL B 89 17.22 18.19 15.61
CA VAL B 89 16.99 19.62 15.76
C VAL B 89 17.30 20.34 14.46
N GLY B 90 16.26 20.80 13.77
CA GLY B 90 16.45 21.52 12.53
C GLY B 90 16.99 20.66 11.41
N GLY B 91 17.69 21.30 10.49
CA GLY B 91 18.24 20.59 9.35
C GLY B 91 17.27 20.44 8.20
N ILE B 92 17.77 19.96 7.07
CA ILE B 92 16.94 19.78 5.88
C ILE B 92 17.19 18.41 5.25
N ALA B 93 16.12 17.64 5.03
CA ALA B 93 16.24 16.31 4.44
C ALA B 93 15.52 16.22 3.09
N HIS B 94 16.29 16.28 2.01
CA HIS B 94 15.69 16.18 0.68
C HIS B 94 15.64 14.73 0.19
N ASN B 95 14.58 14.40 -0.54
CA ASN B 95 14.43 13.09 -1.13
C ASN B 95 13.77 13.24 -2.50
N ALA B 96 14.23 12.46 -3.47
CA ALA B 96 13.68 12.54 -4.81
C ALA B 96 13.05 11.26 -5.28
N LYS B 97 11.92 11.41 -5.98
CA LYS B 97 11.18 10.29 -6.55
C LYS B 97 12.08 9.68 -7.61
N ASP B 98 12.43 8.41 -7.42
CA ASP B 98 13.30 7.67 -8.34
C ASP B 98 14.77 8.12 -8.40
N GLY B 99 15.14 9.07 -7.53
CA GLY B 99 16.52 9.53 -7.49
C GLY B 99 17.40 8.48 -6.81
N TYR B 100 18.43 8.92 -6.11
CA TYR B 100 19.33 8.00 -5.40
C TYR B 100 18.61 7.20 -4.34
N GLY B 101 18.91 5.91 -4.28
CA GLY B 101 18.30 5.02 -3.30
C GLY B 101 17.03 4.34 -3.77
N GLY B 102 16.44 4.87 -4.84
CA GLY B 102 15.21 4.30 -5.36
C GLY B 102 13.99 4.93 -4.73
N LYS B 103 12.89 4.20 -4.78
CA LYS B 103 11.61 4.65 -4.23
C LYS B 103 11.75 5.07 -2.77
N PRO B 104 11.43 6.34 -2.47
CA PRO B 104 11.51 6.93 -1.12
C PRO B 104 10.76 6.10 -0.08
N ASP B 105 11.33 6.02 1.12
CA ASP B 105 10.72 5.27 2.21
C ASP B 105 10.83 6.06 3.52
N LYS B 106 11.19 5.38 4.62
CA LYS B 106 11.31 6.02 5.93
C LYS B 106 12.39 7.08 6.02
N VAL B 107 12.06 8.19 6.67
CA VAL B 107 13.02 9.25 6.87
C VAL B 107 13.80 8.88 8.14
N LEU B 108 13.07 8.61 9.22
CA LEU B 108 13.69 8.26 10.49
C LEU B 108 13.43 6.80 10.88
N GLN B 109 14.50 6.01 10.98
CA GLN B 109 14.42 4.62 11.38
C GLN B 109 14.50 4.63 12.91
N HIS B 110 13.82 3.69 13.56
CA HIS B 110 13.78 3.62 15.03
C HIS B 110 13.64 2.13 15.39
N ASN B 111 14.77 1.47 15.59
CA ASN B 111 14.77 0.05 15.90
C ASN B 111 14.61 -0.30 17.37
N SER B 112 15.28 0.45 18.25
CA SER B 112 15.23 0.19 19.69
C SER B 112 13.86 0.24 20.34
N LYS B 113 13.79 -0.26 21.58
CA LYS B 113 12.56 -0.30 22.37
C LYS B 113 12.69 0.51 23.66
N ASN B 114 11.58 1.08 24.11
CA ASN B 114 11.53 1.96 25.30
C ASN B 114 12.48 3.11 25.02
N SER B 115 12.37 3.66 23.81
CA SER B 115 13.22 4.74 23.32
C SER B 115 12.39 5.78 22.60
N THR B 116 12.94 6.99 22.52
CA THR B 116 12.24 8.09 21.89
C THR B 116 12.98 8.81 20.78
N THR B 117 12.27 9.07 19.68
CA THR B 117 12.80 9.83 18.57
C THR B 117 12.10 11.18 18.65
N VAL B 118 12.87 12.25 18.79
CA VAL B 118 12.29 13.61 18.90
C VAL B 118 12.58 14.44 17.68
N VAL B 119 11.60 15.24 17.26
CA VAL B 119 11.76 16.12 16.10
C VAL B 119 11.34 17.53 16.52
N LYS B 120 12.25 18.49 16.37
CA LYS B 120 12.02 19.88 16.76
C LYS B 120 12.95 20.81 16.00
N GLY B 121 12.94 22.09 16.36
CA GLY B 121 13.79 23.07 15.69
C GLY B 121 13.40 23.23 14.23
N ASN B 122 12.15 22.90 13.94
CA ASN B 122 11.61 22.99 12.58
C ASN B 122 12.40 22.18 11.56
N PHE B 123 12.49 20.88 11.80
CA PHE B 123 13.18 19.96 10.89
C PHE B 123 12.37 20.03 9.60
N THR B 124 13.04 20.25 8.47
CA THR B 124 12.32 20.38 7.21
C THR B 124 12.56 19.26 6.20
N LEU B 125 11.49 18.88 5.50
CA LEU B 125 11.57 17.85 4.46
C LEU B 125 11.20 18.49 3.12
N THR B 126 12.01 18.22 2.11
CA THR B 126 11.77 18.75 0.76
C THR B 126 11.76 17.60 -0.26
N GLY B 127 11.07 17.80 -1.37
CA GLY B 127 11.00 16.79 -2.41
C GLY B 127 9.83 15.83 -2.23
N GLU B 128 10.08 14.55 -2.47
CA GLU B 128 9.06 13.51 -2.31
C GLU B 128 9.54 12.47 -1.32
N HIS B 129 8.73 12.21 -0.29
CA HIS B 129 9.07 11.26 0.74
C HIS B 129 8.07 10.12 0.92
N GLY B 130 8.49 9.11 1.67
CA GLY B 130 7.62 7.97 1.92
C GLY B 130 6.96 8.11 3.27
N LYS B 131 7.68 7.69 4.31
CA LYS B 131 7.18 7.75 5.68
C LYS B 131 8.20 8.50 6.53
N LEU B 132 7.73 9.43 7.37
CA LEU B 132 8.66 10.15 8.24
C LEU B 132 9.18 9.20 9.31
N TRP B 133 8.26 8.50 10.00
CA TRP B 133 8.63 7.56 11.05
C TRP B 133 7.56 6.49 11.19
N ARG B 134 7.98 5.23 11.29
CA ARG B 134 7.04 4.12 11.41
C ARG B 134 7.64 2.98 12.20
N SER B 135 7.02 2.65 13.33
CA SER B 135 7.48 1.54 14.15
C SER B 135 7.17 0.29 13.36
N CYS B 136 8.18 -0.54 13.14
CA CYS B 136 8.04 -1.77 12.37
C CYS B 136 6.85 -2.59 12.83
N GLY B 137 5.95 -2.87 11.90
CA GLY B 137 4.77 -3.66 12.21
C GLY B 137 5.06 -5.16 12.24
N ASP B 138 6.11 -5.58 11.54
CA ASP B 138 6.49 -6.99 11.49
C ASP B 138 7.96 -7.27 11.23
N CYS B 139 8.67 -7.63 12.29
CA CYS B 139 10.07 -7.99 12.18
C CYS B 139 10.59 -8.68 13.44
N SER B 140 11.74 -9.33 13.29
CA SER B 140 12.39 -10.06 14.39
C SER B 140 12.51 -9.21 15.64
N ASN B 141 12.44 -9.86 16.80
CA ASN B 141 12.55 -9.17 18.09
C ASN B 141 11.69 -7.91 18.18
N ASN B 142 10.56 -7.90 17.49
CA ASN B 142 9.68 -6.75 17.50
C ASN B 142 9.11 -6.51 18.89
N GLY B 143 8.77 -5.27 19.16
CA GLY B 143 8.23 -4.91 20.45
C GLY B 143 8.26 -3.41 20.62
N GLY B 144 8.04 -2.95 21.85
CA GLY B 144 8.05 -1.53 22.14
C GLY B 144 8.22 -1.26 23.63
N PRO B 145 7.83 -0.07 24.10
CA PRO B 145 7.25 1.03 23.32
C PRO B 145 8.25 1.87 22.52
N ARG B 146 7.82 2.29 21.33
CA ARG B 146 8.63 3.15 20.47
C ARG B 146 7.88 4.48 20.46
N PHE B 147 8.55 5.55 20.90
CA PHE B 147 7.93 6.87 20.96
C PHE B 147 8.48 7.85 19.94
N LEU B 148 7.59 8.72 19.45
CA LEU B 148 7.92 9.77 18.50
C LEU B 148 7.28 11.03 19.05
N THR B 149 8.10 12.05 19.27
CA THR B 149 7.62 13.31 19.79
C THR B 149 8.03 14.43 18.85
N VAL B 150 7.06 14.96 18.09
CA VAL B 150 7.31 16.05 17.16
C VAL B 150 6.67 17.32 17.70
N THR B 151 7.48 18.35 17.87
CA THR B 151 7.00 19.65 18.35
C THR B 151 6.99 20.67 17.19
N SER B 152 7.76 20.39 16.15
CA SER B 152 7.79 21.29 14.98
C SER B 152 8.58 20.68 13.82
N ALA B 153 7.95 20.70 12.65
CA ALA B 153 8.53 20.17 11.43
C ALA B 153 7.71 20.68 10.25
N THR B 154 8.39 20.91 9.13
CA THR B 154 7.73 21.41 7.93
C THR B 154 7.96 20.48 6.77
N VAL B 155 6.88 20.11 6.08
CA VAL B 155 6.98 19.24 4.94
C VAL B 155 6.79 20.08 3.68
N ASN B 156 7.89 20.53 3.10
CA ASN B 156 7.85 21.33 1.89
C ASN B 156 8.05 20.35 0.73
N GLY B 157 6.98 19.62 0.43
CA GLY B 157 6.99 18.65 -0.64
C GLY B 157 5.84 17.71 -0.39
N THR B 158 5.99 16.47 -0.83
CA THR B 158 4.95 15.46 -0.64
C THR B 158 5.49 14.28 0.18
N ILE B 159 4.59 13.59 0.86
CA ILE B 159 4.93 12.43 1.69
C ILE B 159 3.67 11.58 1.80
N ASP B 160 3.83 10.26 1.89
CA ASP B 160 2.69 9.35 1.97
C ASP B 160 2.06 9.24 3.37
N SER B 161 2.88 9.34 4.41
CA SER B 161 2.39 9.26 5.79
C SER B 161 3.42 9.79 6.77
N ILE B 162 2.95 10.32 7.90
CA ILE B 162 3.86 10.88 8.90
C ILE B 162 4.34 9.84 9.91
N ALA B 163 3.42 9.36 10.75
CA ALA B 163 3.77 8.40 11.80
C ALA B 163 2.85 7.18 11.88
N GLY B 164 3.46 6.03 12.15
CA GLY B 164 2.73 4.79 12.31
C GLY B 164 3.12 4.15 13.63
N VAL B 165 2.13 3.87 14.49
CA VAL B 165 2.40 3.29 15.81
C VAL B 165 1.77 1.92 16.07
N ASN B 166 2.47 1.10 16.86
CA ASN B 166 1.94 -0.22 17.20
C ASN B 166 1.18 -0.11 18.52
N ARG B 167 -0.14 0.03 18.39
CA ARG B 167 -1.08 0.15 19.49
C ARG B 167 -0.84 -0.86 20.62
N ASN B 168 -0.55 -2.10 20.25
CA ASN B 168 -0.33 -3.18 21.19
C ASN B 168 1.04 -3.20 21.86
N TYR B 169 1.98 -2.41 21.37
CA TYR B 169 3.32 -2.37 21.95
C TYR B 169 3.54 -1.11 22.78
N GLY B 170 2.50 -0.29 22.91
CA GLY B 170 2.61 0.93 23.69
C GLY B 170 3.33 2.09 23.02
N ASP B 171 3.44 2.05 21.70
CA ASP B 171 4.10 3.14 20.97
C ASP B 171 3.17 4.34 21.12
N VAL B 172 3.74 5.53 21.25
CA VAL B 172 2.94 6.74 21.37
C VAL B 172 3.59 7.86 20.56
N ALA B 173 2.83 8.37 19.60
CA ALA B 173 3.27 9.45 18.74
C ALA B 173 2.60 10.76 19.17
N THR B 174 3.35 11.65 19.79
CA THR B 174 2.84 12.94 20.23
C THR B 174 3.32 13.93 19.19
N ILE B 175 2.36 14.48 18.43
CA ILE B 175 2.66 15.39 17.35
C ILE B 175 1.91 16.74 17.41
N SER B 176 2.63 17.81 17.08
CA SER B 176 2.11 19.17 17.01
C SER B 176 3.14 20.00 16.25
N GLY B 177 2.76 21.22 15.87
CA GLY B 177 3.68 22.09 15.14
C GLY B 177 4.11 21.55 13.79
N LEU B 178 3.22 20.79 13.16
CA LEU B 178 3.49 20.20 11.86
C LEU B 178 2.78 20.97 10.75
N LYS B 179 3.58 21.52 9.82
CA LYS B 179 3.06 22.25 8.68
C LYS B 179 3.38 21.40 7.46
N ILE B 180 2.39 21.21 6.58
CA ILE B 180 2.54 20.39 5.38
C ILE B 180 2.01 21.05 4.10
N LYS B 181 2.84 21.04 3.06
CA LYS B 181 2.48 21.59 1.76
C LYS B 181 1.17 21.01 1.24
N ASN B 182 0.26 21.90 0.87
CA ASN B 182 -1.06 21.52 0.34
C ASN B 182 -1.82 20.55 1.23
N TYR B 183 -1.67 20.68 2.54
CA TYR B 183 -2.33 19.77 3.48
C TYR B 183 -3.85 19.64 3.35
N LYS B 184 -4.28 18.39 3.42
CA LYS B 184 -5.68 17.98 3.36
C LYS B 184 -5.77 16.81 4.34
N GLU B 185 -6.90 16.64 5.03
CA GLU B 185 -7.01 15.52 5.97
C GLU B 185 -6.88 14.19 5.25
N GLY B 186 -6.03 13.31 5.79
CA GLY B 186 -5.82 12.01 5.19
C GLY B 186 -4.85 12.08 4.02
N LYS B 187 -4.44 13.30 3.68
CA LYS B 187 -3.52 13.53 2.57
C LYS B 187 -2.41 14.51 2.98
N PRO B 188 -1.37 14.00 3.65
CA PRO B 188 -1.23 12.59 4.01
C PRO B 188 -1.76 12.31 5.41
N PRO B 189 -1.94 11.02 5.75
CA PRO B 189 -2.42 10.73 7.11
C PRO B 189 -1.28 11.07 8.05
N VAL B 190 -1.60 11.62 9.21
CA VAL B 190 -0.60 12.02 10.18
C VAL B 190 -0.24 10.89 11.16
N CYS B 191 -1.22 10.33 11.83
CA CYS B 191 -0.95 9.25 12.77
C CYS B 191 -1.88 8.08 12.58
N GLU B 192 -1.30 6.93 12.20
CA GLU B 192 -2.08 5.71 11.99
C GLU B 192 -1.71 4.63 13.00
N GLU B 193 -2.73 3.89 13.45
CA GLU B 193 -2.54 2.80 14.41
C GLU B 193 -2.51 1.44 13.73
N PHE B 194 -1.66 0.54 14.26
CA PHE B 194 -1.49 -0.81 13.73
C PHE B 194 -1.31 -1.81 14.88
N LYS B 195 -1.45 -3.09 14.57
CA LYS B 195 -1.19 -4.15 15.55
C LYS B 195 0.15 -4.72 15.10
N GLY B 196 1.17 -4.57 15.93
CA GLY B 196 2.47 -5.08 15.58
C GLY B 196 2.58 -6.55 15.91
N VAL B 197 3.54 -7.22 15.27
CA VAL B 197 3.78 -8.64 15.51
C VAL B 197 5.25 -8.97 15.37
N VAL B 198 5.68 -10.02 16.06
CA VAL B 198 7.05 -10.51 15.98
C VAL B 198 7.03 -11.39 14.74
N LYS B 199 8.06 -11.28 13.89
CA LYS B 199 8.16 -12.07 12.67
C LYS B 199 7.90 -13.55 12.93
N GLY B 200 6.90 -14.09 12.24
CA GLY B 200 6.54 -15.49 12.42
C GLY B 200 5.58 -15.76 13.57
N GLN B 201 4.99 -14.71 14.12
CA GLN B 201 4.04 -14.85 15.23
C GLN B 201 2.77 -14.06 14.93
N GLY B 202 2.17 -14.32 13.78
CA GLY B 202 0.94 -13.63 13.40
C GLY B 202 1.09 -12.61 12.29
N SER B 203 -0.02 -11.93 11.99
CA SER B 203 -0.01 -10.91 10.93
C SER B 203 -0.47 -9.54 11.43
N THR B 204 0.09 -8.49 10.82
CA THR B 204 -0.22 -7.12 11.19
C THR B 204 -1.65 -6.71 10.83
N GLU B 205 -2.12 -5.64 11.46
CA GLU B 205 -3.47 -5.12 11.23
C GLU B 205 -3.45 -3.60 11.15
N LYS B 206 -4.14 -3.04 10.16
CA LYS B 206 -4.22 -1.60 9.97
C LYS B 206 -5.54 -1.06 10.52
N TYR B 207 -5.47 -0.04 11.37
CA TYR B 207 -6.66 0.54 11.96
C TYR B 207 -6.99 1.92 11.39
N GLY B 208 -6.12 2.46 10.55
CA GLY B 208 -6.37 3.75 9.96
C GLY B 208 -5.89 4.95 10.75
N GLU B 209 -6.15 6.14 10.22
CA GLU B 209 -5.74 7.39 10.84
C GLU B 209 -6.52 7.67 12.11
N LYS B 210 -5.80 8.05 13.15
CA LYS B 210 -6.43 8.33 14.44
C LYS B 210 -6.02 9.69 15.02
N TRP B 211 -6.95 10.29 15.77
CA TRP B 211 -6.73 11.59 16.41
C TRP B 211 -7.13 11.51 17.88
N ASP B 212 -6.31 12.13 18.74
CA ASP B 212 -6.54 12.18 20.18
C ASP B 212 -6.78 10.87 20.92
N THR B 213 -6.02 9.84 20.57
CA THR B 213 -6.14 8.55 21.23
C THR B 213 -4.94 8.34 22.15
N THR B 214 -4.85 7.16 22.74
CA THR B 214 -3.75 6.80 23.64
C THR B 214 -2.42 6.72 22.88
N ASN B 215 -2.42 6.11 21.70
CA ASN B 215 -1.20 5.94 20.93
C ASN B 215 -0.94 7.01 19.86
N CYS B 216 -1.98 7.77 19.54
CA CYS B 216 -1.88 8.87 18.57
C CYS B 216 -2.28 10.19 19.26
N LYS B 217 -1.36 10.71 20.08
CA LYS B 217 -1.57 11.96 20.79
C LYS B 217 -1.41 13.15 19.85
N VAL B 218 -2.31 13.25 18.89
CA VAL B 218 -2.31 14.32 17.93
C VAL B 218 -3.73 14.84 17.68
N SER B 219 -3.87 16.16 17.74
CA SER B 219 -5.14 16.80 17.49
C SER B 219 -5.06 17.39 16.08
N ARG B 220 -6.21 17.63 15.47
CA ARG B 220 -6.24 18.19 14.13
C ARG B 220 -5.64 19.60 14.11
N SER B 221 -5.61 20.25 15.27
CA SER B 221 -5.05 21.59 15.39
C SER B 221 -3.53 21.58 15.40
N GLY B 222 -2.95 20.39 15.57
CA GLY B 222 -1.50 20.26 15.59
C GLY B 222 -0.85 20.18 14.21
N VAL B 223 -1.67 20.14 13.17
CA VAL B 223 -1.16 20.06 11.80
C VAL B 223 -1.98 20.95 10.86
N SER B 224 -1.32 21.54 9.87
CA SER B 224 -2.04 22.37 8.91
C SER B 224 -1.26 22.63 7.63
N LYS B 225 -1.93 23.30 6.70
CA LYS B 225 -1.37 23.64 5.40
C LYS B 225 -0.25 24.66 5.50
N LEU B 226 0.87 24.36 4.83
CA LEU B 226 2.02 25.25 4.82
C LEU B 226 1.67 26.50 4.02
CA CA C . -4.09 -12.11 -1.25
ZN ZN D . -9.63 -18.13 -10.17
ZN ZN E . -16.48 -23.08 -11.64
S SO4 F . -25.06 3.09 -9.74
O1 SO4 F . -25.29 3.91 -11.00
O2 SO4 F . -24.97 4.13 -8.63
O3 SO4 F . -26.20 2.27 -9.51
O4 SO4 F . -23.84 2.40 -9.83
CA CA G . 16.51 9.24 -2.45
ZN ZN H . 19.00 2.61 7.53
ZN ZN I . 24.92 1.66 13.73
S SO4 J . 0.81 1.36 5.11
O1 SO4 J . 0.44 1.26 3.62
O2 SO4 J . 1.64 2.64 5.19
O3 SO4 J . -0.37 1.53 5.87
O4 SO4 J . 1.62 0.25 5.48
#